data_5LIR
#
_entry.id   5LIR
#
_cell.length_a   99.662
_cell.length_b   99.662
_cell.length_c   52.510
_cell.angle_alpha   90.00
_cell.angle_beta   90.00
_cell.angle_gamma   120.00
#
_symmetry.space_group_name_H-M   'P 32 2 1'
#
loop_
_entity.id
_entity.type
_entity.pdbx_description
1 polymer 'Sigma cross-reacting protein 27A (SCRP-27A)'
2 non-polymer DI(HYDROXYETHYL)ETHER
3 water water
#
_entity_poly.entity_id   1
_entity_poly.type   'polypeptide(L)'
_entity_poly.pdbx_seq_one_letter_code
;MHHHHHHITSLYKKAGFENLYFQGKKIGVVLSGCGVYDGTEIHEAVLTLLAIARSGAQAVCFAPDKPQADVINHLTGEAM
AETRNVLIEAARITRGDIRPLSQAQPEELDALIVPGGFGAAKNLSNFASQGSECRVDSDVVALAKAMHQSGKPLGFI
(CSO)IAPAMLPKIFDFPLRLTIGTDIDTAEVLEEMGAEHVPCPVDDIVVDEDNKVVTTPAYMLAQDIAQAASGIDKLVS
RVLVLAE
;
_entity_poly.pdbx_strand_id   A
#
# COMPACT_ATOMS: atom_id res chain seq x y z
N PHE A 22 2.58 6.75 21.08
CA PHE A 22 2.99 5.56 20.24
C PHE A 22 4.51 5.33 20.08
N GLN A 23 5.36 6.03 20.88
CA GLN A 23 6.84 5.80 20.86
C GLN A 23 7.06 4.27 21.09
N GLY A 24 8.04 3.70 20.44
CA GLY A 24 8.16 2.26 20.58
C GLY A 24 7.39 1.57 19.43
N LYS A 25 6.28 2.06 18.90
CA LYS A 25 5.60 1.28 17.83
C LYS A 25 6.37 1.25 16.50
N LYS A 26 6.46 0.07 15.90
CA LYS A 26 7.15 -0.14 14.62
C LYS A 26 6.13 -0.49 13.54
N ILE A 27 6.05 0.38 12.53
CA ILE A 27 5.09 0.27 11.47
C ILE A 27 5.83 -0.09 10.18
N GLY A 28 5.60 -1.31 9.69
CA GLY A 28 6.19 -1.66 8.37
C GLY A 28 5.53 -0.94 7.23
N VAL A 29 6.35 -0.54 6.25
CA VAL A 29 5.89 0.17 5.10
C VAL A 29 6.49 -0.50 3.83
N VAL A 30 5.65 -0.95 2.92
CA VAL A 30 6.11 -1.67 1.74
C VAL A 30 6.00 -0.76 0.53
N LEU A 31 7.14 -0.51 -0.13
CA LEU A 31 7.23 0.34 -1.30
C LEU A 31 7.54 -0.54 -2.61
N SER A 32 7.25 0.07 -3.75
CA SER A 32 7.27 -0.63 -5.09
C SER A 32 8.07 0.10 -6.21
N GLY A 33 8.87 1.08 -5.82
CA GLY A 33 9.55 1.99 -6.80
C GLY A 33 9.39 3.42 -6.30
N CYS A 34 9.62 4.35 -7.18
CA CYS A 34 9.62 5.77 -6.90
C CYS A 34 8.94 6.61 -8.00
N GLY A 35 7.58 6.68 -7.92
CA GLY A 35 6.77 7.46 -8.85
C GLY A 35 5.52 6.69 -9.19
N VAL A 36 4.43 7.46 -9.32
CA VAL A 36 3.05 6.92 -9.54
C VAL A 36 2.95 5.88 -10.70
N TYR A 37 3.59 6.15 -11.83
CA TYR A 37 3.37 5.29 -13.00
C TYR A 37 4.07 3.95 -13.05
N ASP A 38 5.18 3.82 -12.35
CA ASP A 38 5.94 2.58 -12.38
C ASP A 38 6.44 2.13 -11.01
N GLY A 39 5.97 2.82 -9.97
CA GLY A 39 6.37 2.49 -8.62
C GLY A 39 5.39 3.02 -7.59
N THR A 40 5.90 3.42 -6.45
CA THR A 40 4.99 3.94 -5.39
C THR A 40 4.61 5.39 -5.68
N GLU A 41 3.35 5.71 -5.38
CA GLU A 41 2.88 7.08 -5.42
C GLU A 41 3.66 7.89 -4.35
N ILE A 42 4.49 8.84 -4.81
CA ILE A 42 5.37 9.54 -3.95
C ILE A 42 4.65 10.37 -2.91
N HIS A 43 3.61 11.11 -3.27
CA HIS A 43 2.85 11.82 -2.26
C HIS A 43 2.35 10.88 -1.19
N GLU A 44 1.75 9.78 -1.61
CA GLU A 44 1.17 8.85 -0.64
C GLU A 44 2.20 8.26 0.31
N ALA A 45 3.36 7.94 -0.23
CA ALA A 45 4.40 7.39 0.61
C ALA A 45 4.93 8.40 1.68
N VAL A 46 5.22 9.61 1.23
CA VAL A 46 5.70 10.65 2.13
C VAL A 46 4.61 11.05 3.19
N LEU A 47 3.36 11.14 2.76
CA LEU A 47 2.28 11.47 3.70
C LEU A 47 2.17 10.38 4.80
N THR A 48 2.30 9.10 4.38
CA THR A 48 2.35 8.02 5.29
C THR A 48 3.48 8.09 6.30
N LEU A 49 4.67 8.40 5.82
CA LEU A 49 5.83 8.56 6.70
C LEU A 49 5.66 9.70 7.66
N LEU A 50 5.11 10.80 7.16
CA LEU A 50 4.86 11.97 8.00
C LEU A 50 3.92 11.63 9.15
N ALA A 51 2.79 11.03 8.79
CA ALA A 51 1.81 10.70 9.85
C ALA A 51 2.32 9.72 10.87
N ILE A 52 3.14 8.78 10.43
CA ILE A 52 3.73 7.83 11.35
C ILE A 52 4.68 8.56 12.32
N ALA A 53 5.56 9.38 11.78
CA ALA A 53 6.51 10.10 12.61
C ALA A 53 5.87 11.10 13.59
N ARG A 54 4.85 11.80 13.13
CA ARG A 54 4.17 12.78 13.96
C ARG A 54 3.50 12.14 15.16
N SER A 55 3.16 10.87 15.03
CA SER A 55 2.53 10.17 16.12
CA SER A 55 2.57 10.00 16.07
C SER A 55 3.56 9.57 17.11
N GLY A 56 4.85 9.68 16.81
CA GLY A 56 5.90 9.23 17.64
C GLY A 56 6.23 7.73 17.32
N ALA A 57 5.66 7.16 16.30
CA ALA A 57 6.01 5.76 15.99
C ALA A 57 7.20 5.74 14.98
N GLN A 58 7.74 4.56 14.69
CA GLN A 58 8.88 4.42 13.78
C GLN A 58 8.48 3.67 12.52
N ALA A 59 8.71 4.23 11.35
CA ALA A 59 8.54 3.48 10.09
C ALA A 59 9.70 2.55 9.80
N VAL A 60 9.43 1.34 9.32
CA VAL A 60 10.42 0.36 9.00
C VAL A 60 10.10 0.02 7.55
N CYS A 61 10.89 0.54 6.62
CA CYS A 61 10.59 0.37 5.21
C CYS A 61 11.22 -0.81 4.46
N PHE A 62 10.47 -1.36 3.53
CA PHE A 62 10.90 -2.48 2.72
C PHE A 62 10.46 -2.33 1.28
N ALA A 63 11.14 -3.02 0.38
CA ALA A 63 10.79 -3.04 -1.03
C ALA A 63 11.37 -4.32 -1.62
N PRO A 64 10.66 -4.98 -2.51
CA PRO A 64 11.29 -6.25 -3.05
C PRO A 64 12.47 -5.98 -4.01
N ASP A 65 13.53 -6.76 -3.86
CA ASP A 65 14.73 -6.67 -4.68
C ASP A 65 14.48 -7.41 -6.02
N LYS A 66 13.99 -6.67 -7.01
CA LYS A 66 13.69 -7.23 -8.33
C LYS A 66 13.50 -6.07 -9.32
N PRO A 67 13.59 -6.32 -10.61
CA PRO A 67 13.37 -5.24 -11.58
C PRO A 67 11.92 -4.76 -11.63
N GLN A 68 11.70 -3.50 -11.97
CA GLN A 68 10.37 -2.94 -12.12
C GLN A 68 9.77 -3.54 -13.38
N ALA A 69 8.46 -3.57 -13.47
CA ALA A 69 7.78 -4.11 -14.65
C ALA A 69 8.07 -3.24 -15.87
N ASP A 70 8.24 -1.95 -15.65
CA ASP A 70 8.54 -1.01 -16.73
C ASP A 70 9.15 0.26 -16.10
N VAL A 71 9.56 1.16 -16.99
CA VAL A 71 10.05 2.48 -16.53
C VAL A 71 9.29 3.51 -17.36
N ILE A 72 8.57 4.41 -16.68
CA ILE A 72 7.67 5.38 -17.39
C ILE A 72 8.21 6.81 -17.28
N ASN A 73 8.23 7.45 -18.43
CA ASN A 73 8.48 8.90 -18.52
C ASN A 73 7.22 9.59 -17.93
N HIS A 74 7.40 10.23 -16.79
CA HIS A 74 6.28 10.85 -16.08
C HIS A 74 5.80 12.12 -16.70
N LEU A 75 6.61 12.64 -17.61
CA LEU A 75 6.29 13.86 -18.31
C LEU A 75 5.33 13.57 -19.46
N THR A 76 5.53 12.44 -20.12
CA THR A 76 4.71 12.05 -21.27
C THR A 76 3.80 10.85 -21.06
N GLY A 77 4.16 9.97 -20.14
CA GLY A 77 3.37 8.80 -19.88
C GLY A 77 3.80 7.60 -20.72
N GLU A 78 4.82 7.79 -21.54
CA GLU A 78 5.33 6.69 -22.40
C GLU A 78 6.43 5.88 -21.72
N ALA A 79 6.57 4.63 -22.18
CA ALA A 79 7.56 3.75 -21.61
C ALA A 79 8.93 4.20 -22.10
N MET A 80 9.94 3.95 -21.28
CA MET A 80 11.29 4.27 -21.63
C MET A 80 12.05 2.97 -21.86
N ALA A 81 13.08 3.04 -22.67
CA ALA A 81 13.90 1.89 -23.01
C ALA A 81 15.06 1.73 -21.98
N GLU A 82 14.72 1.41 -20.74
CA GLU A 82 15.68 1.13 -19.68
C GLU A 82 15.02 0.28 -18.59
N THR A 83 15.85 -0.17 -17.66
CA THR A 83 15.38 -1.03 -16.62
CA THR A 83 15.42 -1.05 -16.60
C THR A 83 15.88 -0.44 -15.29
N ARG A 84 15.03 -0.55 -14.28
CA ARG A 84 15.32 -0.03 -12.95
C ARG A 84 14.90 -1.07 -11.89
N ASN A 85 15.66 -1.10 -10.80
CA ASN A 85 15.43 -2.04 -9.70
C ASN A 85 14.47 -1.39 -8.67
N VAL A 86 13.45 -2.14 -8.27
CA VAL A 86 12.41 -1.68 -7.31
C VAL A 86 13.03 -1.15 -6.02
N LEU A 87 13.95 -1.90 -5.42
CA LEU A 87 14.60 -1.54 -4.15
C LEU A 87 15.48 -0.34 -4.25
N ILE A 88 16.34 -0.34 -5.29
CA ILE A 88 17.18 0.77 -5.54
C ILE A 88 16.38 2.07 -5.68
N GLU A 89 15.29 2.05 -6.43
CA GLU A 89 14.56 3.28 -6.67
C GLU A 89 13.75 3.66 -5.39
N ALA A 90 13.16 2.69 -4.70
CA ALA A 90 12.42 2.99 -3.50
C ALA A 90 13.30 3.67 -2.38
N ALA A 91 14.60 3.40 -2.42
CA ALA A 91 15.54 3.97 -1.48
C ALA A 91 15.57 5.50 -1.58
N ARG A 92 15.12 6.02 -2.71
CA ARG A 92 15.08 7.45 -2.92
C ARG A 92 14.10 8.11 -1.95
N ILE A 93 12.96 7.48 -1.76
CA ILE A 93 11.90 7.95 -0.88
C ILE A 93 12.27 7.91 0.60
N THR A 94 13.07 6.94 0.99
CA THR A 94 13.45 6.68 2.37
C THR A 94 14.85 7.19 2.70
N ARG A 95 15.49 7.96 1.79
CA ARG A 95 16.82 8.49 1.96
C ARG A 95 17.80 7.35 2.32
N GLY A 96 17.69 6.22 1.63
CA GLY A 96 18.55 5.08 1.90
C GLY A 96 18.17 4.11 3.04
N ASP A 97 17.17 4.45 3.88
CA ASP A 97 16.83 3.73 5.07
C ASP A 97 15.70 2.69 4.69
N ILE A 98 16.13 1.64 4.02
CA ILE A 98 15.21 0.64 3.54
C ILE A 98 15.90 -0.72 3.45
N ARG A 99 15.11 -1.78 3.50
CA ARG A 99 15.67 -3.12 3.40
C ARG A 99 14.93 -3.97 2.40
N PRO A 100 15.64 -5.04 1.91
CA PRO A 100 14.89 -5.88 0.97
C PRO A 100 13.72 -6.51 1.71
N LEU A 101 12.57 -6.62 1.08
CA LEU A 101 11.38 -7.23 1.70
C LEU A 101 11.57 -8.62 2.16
N SER A 102 12.52 -9.34 1.51
CA SER A 102 12.81 -10.70 1.95
C SER A 102 13.38 -10.74 3.38
N GLN A 103 13.90 -9.61 3.88
CA GLN A 103 14.48 -9.55 5.22
CA GLN A 103 14.46 -9.59 5.24
C GLN A 103 13.42 -9.15 6.30
N ALA A 104 12.17 -8.91 5.92
CA ALA A 104 11.16 -8.43 6.92
C ALA A 104 10.89 -9.45 7.97
N GLN A 105 10.87 -9.00 9.22
CA GLN A 105 10.64 -9.87 10.37
C GLN A 105 9.32 -9.50 11.04
N PRO A 106 8.24 -10.32 10.72
CA PRO A 106 6.97 -9.90 11.34
C PRO A 106 6.99 -9.73 12.85
N GLU A 107 7.84 -10.45 13.56
CA GLU A 107 7.91 -10.33 15.02
C GLU A 107 8.39 -8.97 15.48
N GLU A 108 9.07 -8.24 14.62
CA GLU A 108 9.58 -6.92 14.96
C GLU A 108 8.64 -5.79 14.54
N LEU A 109 7.50 -6.13 13.97
CA LEU A 109 6.56 -5.12 13.49
C LEU A 109 5.23 -5.14 14.23
N ASP A 110 4.64 -3.96 14.39
CA ASP A 110 3.33 -3.89 15.08
C ASP A 110 2.17 -3.68 14.09
N ALA A 111 2.48 -3.40 12.85
CA ALA A 111 1.50 -3.12 11.78
C ALA A 111 2.18 -3.08 10.46
N LEU A 112 1.37 -3.08 9.42
CA LEU A 112 1.86 -3.00 8.04
C LEU A 112 1.02 -2.09 7.19
N ILE A 113 1.70 -1.16 6.50
CA ILE A 113 1.05 -0.19 5.58
C ILE A 113 1.63 -0.26 4.17
N VAL A 114 0.73 -0.32 3.17
CA VAL A 114 1.11 -0.40 1.73
C VAL A 114 0.50 0.79 0.99
N PRO A 115 1.33 1.81 0.68
CA PRO A 115 0.86 2.95 -0.21
C PRO A 115 0.56 2.51 -1.60
N GLY A 116 -0.16 3.32 -2.38
CA GLY A 116 -0.54 2.94 -3.74
C GLY A 116 0.48 3.39 -4.82
N GLY A 117 -0.05 3.74 -5.99
CA GLY A 117 0.71 3.97 -7.22
C GLY A 117 0.58 2.72 -8.08
N PHE A 118 0.87 2.88 -9.34
CA PHE A 118 0.73 1.74 -10.28
CA PHE A 118 0.73 1.74 -10.31
C PHE A 118 1.70 0.63 -9.95
N GLY A 119 2.77 0.96 -9.22
CA GLY A 119 3.71 -0.07 -8.74
C GLY A 119 3.04 -1.16 -7.88
N ALA A 120 1.99 -0.79 -7.14
CA ALA A 120 1.30 -1.77 -6.33
C ALA A 120 0.59 -2.77 -7.25
N ALA A 121 0.23 -2.33 -8.45
CA ALA A 121 -0.47 -3.14 -9.44
C ALA A 121 0.42 -3.77 -10.55
N LYS A 122 1.68 -3.34 -10.61
CA LYS A 122 2.69 -3.86 -11.56
C LYS A 122 3.82 -4.66 -10.95
N ASN A 123 4.22 -4.28 -9.74
CA ASN A 123 5.41 -4.80 -9.06
C ASN A 123 5.08 -5.61 -7.79
N LEU A 124 4.18 -5.15 -6.96
CA LEU A 124 3.76 -5.92 -5.79
C LEU A 124 2.74 -6.99 -6.22
N SER A 125 2.14 -6.79 -7.38
CA SER A 125 1.20 -7.74 -8.02
C SER A 125 1.19 -7.44 -9.50
N ASN A 126 0.42 -8.21 -10.26
CA ASN A 126 0.15 -7.90 -11.65
C ASN A 126 -1.28 -7.61 -11.94
N PHE A 127 -1.96 -7.01 -10.94
CA PHE A 127 -3.35 -6.55 -11.10
C PHE A 127 -3.59 -5.71 -12.37
N ALA A 128 -2.63 -4.85 -12.72
CA ALA A 128 -2.78 -3.94 -13.86
C ALA A 128 -3.07 -4.65 -15.19
N SER A 129 -2.48 -5.81 -15.41
CA SER A 129 -2.71 -6.56 -16.62
C SER A 129 -3.58 -7.79 -16.39
N GLN A 130 -3.67 -8.35 -15.18
CA GLN A 130 -4.46 -9.60 -14.96
C GLN A 130 -5.84 -9.44 -14.25
N GLY A 131 -6.09 -8.29 -13.64
CA GLY A 131 -7.36 -8.07 -12.97
C GLY A 131 -7.60 -9.11 -11.88
N SER A 132 -8.81 -9.68 -11.92
CA SER A 132 -9.22 -10.70 -10.94
C SER A 132 -8.39 -12.00 -10.99
N GLU A 133 -7.62 -12.23 -12.08
CA GLU A 133 -6.75 -13.45 -12.15
C GLU A 133 -5.34 -13.10 -11.73
N CYS A 134 -5.12 -11.97 -11.06
CA CYS A 134 -3.76 -11.56 -10.65
C CYS A 134 -3.11 -12.42 -9.56
N ARG A 135 -1.80 -12.31 -9.47
CA ARG A 135 -1.01 -12.95 -8.45
C ARG A 135 -0.28 -11.81 -7.71
N VAL A 136 0.00 -12.05 -6.44
CA VAL A 136 0.67 -11.09 -5.59
C VAL A 136 2.06 -11.60 -5.21
N ASP A 137 3.00 -10.69 -5.06
CA ASP A 137 4.36 -11.03 -4.68
C ASP A 137 4.30 -11.92 -3.44
N SER A 138 4.96 -13.08 -3.49
CA SER A 138 4.93 -14.05 -2.39
C SER A 138 5.38 -13.52 -1.03
N ASP A 139 6.39 -12.66 -1.01
CA ASP A 139 6.85 -12.06 0.21
C ASP A 139 5.82 -11.03 0.73
N VAL A 140 5.13 -10.31 -0.14
CA VAL A 140 3.97 -9.49 0.29
C VAL A 140 2.87 -10.34 0.93
N VAL A 141 2.51 -11.44 0.26
CA VAL A 141 1.48 -12.34 0.83
C VAL A 141 1.89 -12.89 2.23
N ALA A 142 3.12 -13.40 2.35
CA ALA A 142 3.55 -14.01 3.59
C ALA A 142 3.57 -12.97 4.75
N LEU A 143 4.05 -11.76 4.48
CA LEU A 143 4.11 -10.71 5.55
C LEU A 143 2.71 -10.27 5.98
N ALA A 144 1.83 -10.04 4.98
CA ALA A 144 0.51 -9.67 5.31
C ALA A 144 -0.19 -10.78 6.10
N LYS A 145 -0.06 -12.03 5.65
CA LYS A 145 -0.66 -13.13 6.41
C LYS A 145 -0.14 -13.25 7.86
N ALA A 146 1.16 -13.03 8.03
CA ALA A 146 1.73 -13.03 9.36
C ALA A 146 1.13 -11.96 10.30
N MET A 147 0.89 -10.80 9.78
CA MET A 147 0.24 -9.72 10.57
C MET A 147 -1.15 -10.20 10.97
N HIS A 148 -1.90 -10.76 10.02
CA HIS A 148 -3.30 -11.09 10.27
C HIS A 148 -3.35 -12.24 11.31
N GLN A 149 -2.42 -13.18 11.25
CA GLN A 149 -2.42 -14.30 12.19
C GLN A 149 -2.40 -13.74 13.65
N SER A 150 -1.53 -12.71 13.85
CA SER A 150 -1.23 -12.20 15.17
C SER A 150 -2.22 -11.10 15.64
N GLY A 151 -3.12 -10.62 14.77
CA GLY A 151 -4.04 -9.54 15.10
C GLY A 151 -3.34 -8.19 14.95
N LYS A 152 -2.35 -8.06 14.09
CA LYS A 152 -1.71 -6.75 13.80
C LYS A 152 -2.37 -6.12 12.61
N PRO A 153 -2.71 -4.81 12.71
CA PRO A 153 -3.43 -4.18 11.61
C PRO A 153 -2.69 -3.98 10.32
N LEU A 154 -3.45 -3.94 9.25
CA LEU A 154 -3.00 -3.69 7.89
CA LEU A 154 -2.97 -3.65 7.90
C LEU A 154 -3.68 -2.42 7.35
N GLY A 155 -2.91 -1.52 6.68
CA GLY A 155 -3.46 -0.35 6.04
C GLY A 155 -3.08 -0.34 4.58
N PHE A 156 -4.02 -0.37 3.66
CA PHE A 156 -3.73 -0.38 2.22
C PHE A 156 -4.36 0.85 1.57
N ILE A 157 -3.62 1.54 0.69
CA ILE A 157 -4.04 2.88 0.18
C ILE A 157 -4.20 2.84 -1.39
N ILE A 159 -4.88 2.03 -5.01
CA ILE A 159 -5.18 0.76 -5.69
C ILE A 159 -4.61 -0.44 -4.91
N ALA A 160 -3.72 -0.20 -3.91
CA ALA A 160 -3.18 -1.31 -3.18
C ALA A 160 -4.21 -2.34 -2.61
N PRO A 161 -5.44 -1.86 -2.18
CA PRO A 161 -6.43 -2.81 -1.63
C PRO A 161 -6.81 -3.89 -2.65
N ALA A 162 -6.57 -3.65 -3.95
CA ALA A 162 -6.82 -4.69 -4.96
C ALA A 162 -6.11 -6.02 -4.66
N MET A 163 -5.01 -5.96 -3.96
CA MET A 163 -4.23 -7.17 -3.58
C MET A 163 -4.92 -7.98 -2.46
N LEU A 164 -5.71 -7.30 -1.63
CA LEU A 164 -6.28 -7.93 -0.40
C LEU A 164 -7.10 -9.24 -0.63
N PRO A 165 -8.05 -9.25 -1.60
CA PRO A 165 -8.87 -10.42 -1.78
C PRO A 165 -8.05 -11.50 -2.52
N LYS A 166 -6.86 -11.16 -3.08
CA LYS A 166 -5.95 -12.19 -3.60
C LYS A 166 -5.10 -12.79 -2.49
N ILE A 167 -4.78 -12.03 -1.45
CA ILE A 167 -4.03 -12.48 -0.30
C ILE A 167 -4.86 -13.36 0.70
N PHE A 168 -6.02 -12.85 1.07
CA PHE A 168 -6.91 -13.50 2.00
C PHE A 168 -8.11 -14.21 1.35
N ASP A 169 -8.25 -15.50 1.62
CA ASP A 169 -9.34 -16.27 1.06
C ASP A 169 -10.59 -16.26 1.94
N PHE A 170 -11.06 -15.06 2.24
CA PHE A 170 -12.27 -14.85 3.02
C PHE A 170 -12.77 -13.45 2.74
N PRO A 171 -14.12 -13.25 2.98
CA PRO A 171 -14.60 -11.89 2.64
C PRO A 171 -14.03 -10.75 3.49
N LEU A 172 -13.70 -9.64 2.85
CA LEU A 172 -13.16 -8.48 3.53
C LEU A 172 -13.82 -7.20 3.10
N ARG A 173 -14.10 -6.32 4.07
CA ARG A 173 -14.67 -5.02 3.79
C ARG A 173 -13.52 -4.11 3.43
N LEU A 174 -13.61 -3.48 2.27
CA LEU A 174 -12.55 -2.59 1.82
C LEU A 174 -13.08 -1.59 0.82
N THR A 175 -12.23 -0.63 0.46
CA THR A 175 -12.61 0.37 -0.51
C THR A 175 -11.47 0.82 -1.39
N ILE A 176 -11.83 1.26 -2.59
CA ILE A 176 -10.90 1.87 -3.52
C ILE A 176 -11.52 3.21 -3.95
N GLY A 177 -12.53 3.67 -3.21
CA GLY A 177 -13.22 4.89 -3.49
C GLY A 177 -14.65 4.66 -3.91
N THR A 178 -14.97 5.08 -5.14
CA THR A 178 -16.32 4.96 -5.73
C THR A 178 -16.33 4.43 -7.15
N ASP A 179 -15.17 4.10 -7.76
CA ASP A 179 -15.15 3.73 -9.17
C ASP A 179 -15.87 2.34 -9.36
N ILE A 180 -16.95 2.31 -10.08
CA ILE A 180 -17.84 1.10 -10.16
C ILE A 180 -17.14 -0.05 -10.86
N ASP A 181 -16.42 0.22 -11.95
CA ASP A 181 -15.71 -0.87 -12.60
C ASP A 181 -14.69 -1.51 -11.75
N THR A 182 -13.85 -0.73 -11.03
CA THR A 182 -12.83 -1.31 -10.19
C THR A 182 -13.45 -2.04 -9.01
N ALA A 183 -14.47 -1.45 -8.41
CA ALA A 183 -15.17 -2.11 -7.33
C ALA A 183 -15.72 -3.49 -7.78
N GLU A 184 -16.26 -3.53 -9.01
CA GLU A 184 -16.79 -4.84 -9.58
C GLU A 184 -15.72 -5.89 -9.64
N VAL A 185 -14.51 -5.53 -10.03
CA VAL A 185 -13.44 -6.50 -10.09
C VAL A 185 -13.08 -7.03 -8.74
N LEU A 186 -12.99 -6.16 -7.74
CA LEU A 186 -12.62 -6.60 -6.41
C LEU A 186 -13.68 -7.53 -5.84
N GLU A 187 -14.93 -7.28 -6.16
CA GLU A 187 -15.99 -8.13 -5.68
C GLU A 187 -15.87 -9.52 -6.33
N GLU A 188 -15.53 -9.56 -7.62
CA GLU A 188 -15.35 -10.83 -8.31
C GLU A 188 -14.32 -11.65 -7.57
N MET A 189 -13.36 -10.96 -6.97
CA MET A 189 -12.31 -11.64 -6.22
C MET A 189 -12.69 -12.01 -4.77
N GLY A 190 -13.91 -11.70 -4.32
CA GLY A 190 -14.30 -12.11 -2.91
C GLY A 190 -14.42 -10.95 -1.93
N ALA A 191 -14.10 -9.70 -2.36
CA ALA A 191 -14.26 -8.57 -1.42
C ALA A 191 -15.69 -8.05 -1.29
N GLU A 192 -15.99 -7.35 -0.21
CA GLU A 192 -17.19 -6.57 -0.09
C GLU A 192 -16.73 -5.11 -0.25
N HIS A 193 -17.10 -4.47 -1.34
CA HIS A 193 -16.57 -3.12 -1.62
C HIS A 193 -17.56 -2.11 -0.96
N VAL A 194 -16.99 -1.14 -0.30
CA VAL A 194 -17.80 -0.12 0.42
C VAL A 194 -17.40 1.25 -0.15
N PRO A 195 -18.36 2.05 -0.65
CA PRO A 195 -18.00 3.38 -1.18
C PRO A 195 -17.38 4.26 -0.07
N CYS A 196 -16.41 5.06 -0.43
CA CYS A 196 -15.77 5.96 0.52
C CYS A 196 -15.22 7.19 -0.24
N PRO A 197 -15.38 8.41 0.33
CA PRO A 197 -14.83 9.64 -0.23
C PRO A 197 -13.36 9.78 0.07
N VAL A 198 -12.68 10.72 -0.55
CA VAL A 198 -11.26 10.88 -0.37
C VAL A 198 -10.81 11.19 1.08
N ASP A 199 -11.69 11.79 1.86
CA ASP A 199 -11.28 12.23 3.20
C ASP A 199 -11.76 11.24 4.27
N ASP A 200 -12.02 9.99 3.93
CA ASP A 200 -12.46 9.05 4.96
C ASP A 200 -11.85 7.66 4.70
N ILE A 201 -12.21 6.72 5.58
CA ILE A 201 -11.64 5.41 5.56
C ILE A 201 -12.75 4.37 5.69
N VAL A 202 -12.38 3.16 5.33
CA VAL A 202 -13.19 1.93 5.61
C VAL A 202 -12.34 0.98 6.47
N VAL A 203 -13.01 0.42 7.47
CA VAL A 203 -12.37 -0.47 8.41
C VAL A 203 -13.08 -1.82 8.59
N ASP A 204 -12.36 -2.89 8.33
CA ASP A 204 -12.90 -4.22 8.55
C ASP A 204 -12.45 -4.50 9.97
N GLU A 205 -13.36 -4.35 10.91
CA GLU A 205 -13.05 -4.53 12.32
C GLU A 205 -12.56 -5.92 12.75
N ASP A 206 -13.19 -6.97 12.24
CA ASP A 206 -12.80 -8.35 12.64
C ASP A 206 -11.38 -8.71 12.16
N ASN A 207 -11.01 -8.21 11.00
CA ASN A 207 -9.70 -8.50 10.43
C ASN A 207 -8.67 -7.38 10.57
N LYS A 208 -9.09 -6.29 11.20
CA LYS A 208 -8.24 -5.15 11.42
C LYS A 208 -7.55 -4.69 10.14
N VAL A 209 -8.36 -4.41 9.12
CA VAL A 209 -7.85 -3.94 7.85
C VAL A 209 -8.46 -2.57 7.56
N VAL A 210 -7.59 -1.60 7.30
CA VAL A 210 -8.01 -0.23 6.99
C VAL A 210 -7.62 0.14 5.58
N THR A 211 -8.55 0.72 4.82
CA THR A 211 -8.34 1.19 3.44
C THR A 211 -8.84 2.61 3.24
N THR A 212 -8.22 3.30 2.29
CA THR A 212 -8.63 4.67 1.92
C THR A 212 -8.24 4.94 0.45
N PRO A 213 -9.05 5.72 -0.26
CA PRO A 213 -8.84 5.94 -1.70
C PRO A 213 -7.67 6.79 -2.16
N ALA A 214 -7.30 7.81 -1.42
CA ALA A 214 -6.21 8.68 -1.82
C ALA A 214 -6.33 9.09 -3.29
N TYR A 215 -5.28 8.90 -4.08
CA TYR A 215 -5.32 9.31 -5.49
C TYR A 215 -6.36 8.67 -6.43
N MET A 216 -7.02 7.61 -6.00
CA MET A 216 -8.17 7.16 -6.81
C MET A 216 -9.20 8.28 -7.00
N LEU A 217 -9.28 9.19 -6.01
CA LEU A 217 -10.25 10.28 -6.02
C LEU A 217 -9.61 11.67 -5.79
N ALA A 218 -8.51 11.77 -5.10
CA ALA A 218 -7.97 13.12 -4.77
C ALA A 218 -7.69 14.04 -5.95
N GLN A 219 -8.07 15.33 -5.79
CA GLN A 219 -7.77 16.30 -6.83
CA GLN A 219 -7.85 16.39 -6.75
C GLN A 219 -6.55 17.12 -6.42
N ASP A 220 -6.07 17.00 -5.20
CA ASP A 220 -4.82 17.64 -4.75
C ASP A 220 -4.31 16.92 -3.53
N ILE A 221 -3.09 17.28 -3.15
CA ILE A 221 -2.37 16.61 -2.11
C ILE A 221 -3.04 16.77 -0.71
N ALA A 222 -3.71 17.86 -0.46
CA ALA A 222 -4.31 18.07 0.87
C ALA A 222 -5.51 17.12 1.05
N GLN A 223 -6.23 16.86 -0.03
CA GLN A 223 -7.32 15.88 0.02
C GLN A 223 -6.78 14.47 0.24
N ALA A 224 -5.69 14.08 -0.47
CA ALA A 224 -5.05 12.79 -0.16
C ALA A 224 -4.53 12.67 1.30
N ALA A 225 -4.00 13.77 1.84
CA ALA A 225 -3.47 13.74 3.20
C ALA A 225 -4.61 13.54 4.22
N SER A 226 -5.77 14.08 3.96
CA SER A 226 -6.88 13.97 4.94
C SER A 226 -7.27 12.47 5.13
N GLY A 227 -7.37 11.70 4.04
CA GLY A 227 -7.67 10.30 4.12
C GLY A 227 -6.54 9.48 4.69
N ILE A 228 -5.32 9.75 4.21
CA ILE A 228 -4.13 9.05 4.76
C ILE A 228 -3.89 9.24 6.25
N ASP A 229 -4.09 10.48 6.73
CA ASP A 229 -3.91 10.79 8.13
C ASP A 229 -4.87 9.92 8.96
N LYS A 230 -6.09 9.83 8.48
CA LYS A 230 -7.12 9.01 9.19
CA LYS A 230 -7.16 9.04 9.15
C LYS A 230 -6.78 7.57 9.17
N LEU A 231 -6.26 7.09 8.05
CA LEU A 231 -5.85 5.72 7.98
C LEU A 231 -4.72 5.38 8.96
N VAL A 232 -3.70 6.22 8.98
CA VAL A 232 -2.56 5.98 9.86
C VAL A 232 -3.06 6.02 11.32
N SER A 233 -3.89 7.00 11.65
CA SER A 233 -4.35 7.15 13.01
C SER A 233 -5.06 5.88 13.43
N ARG A 234 -5.94 5.39 12.57
CA ARG A 234 -6.71 4.19 12.86
C ARG A 234 -5.81 2.96 13.00
N VAL A 235 -4.82 2.84 12.14
CA VAL A 235 -3.91 1.72 12.23
C VAL A 235 -3.19 1.75 13.58
N LEU A 236 -2.74 2.93 14.01
CA LEU A 236 -2.06 3.01 15.25
C LEU A 236 -2.99 2.65 16.44
N VAL A 237 -4.23 3.05 16.37
CA VAL A 237 -5.17 2.70 17.44
C VAL A 237 -5.39 1.15 17.52
N LEU A 238 -5.54 0.53 16.35
CA LEU A 238 -5.70 -0.92 16.23
C LEU A 238 -4.48 -1.67 16.65
N ALA A 239 -3.32 -1.08 16.56
CA ALA A 239 -2.08 -1.73 17.01
C ALA A 239 -1.80 -1.74 18.49
N GLU A 240 -2.52 -0.99 19.28
CA GLU A 240 -2.17 -0.85 20.73
C GLU A 240 -2.12 -2.11 21.55
#